data_8GU3
#
_entry.id   8GU3
#
_cell.length_a   43.210
_cell.length_b   70.080
_cell.length_c   94.230
_cell.angle_alpha   90.000
_cell.angle_beta   90.000
_cell.angle_gamma   90.000
#
_symmetry.space_group_name_H-M   'P 21 21 21'
#
_entity_poly.entity_id   1
_entity_poly.type   'polypeptide(L)'
_entity_poly.pdbx_seq_one_letter_code
;MSQNNEMHPRNPYRNKPPDFKALAVEYPEFRKFCQYVSNGKVTFDFKKDAAVRCLTQTLLKKDFNLDVEIPPGHLVPRVP
QKLNYCLLIDDLLKANKLTKNVIGIDIGTGTSCIHALIGARQFNWKFIATDGDEKSVRVAHENVAKNGLSSSICVVHVNP
DVKTVLMDVVNTIPDTDYAFCMCNPPFFEKGNGDDKFCEDISSSTETYSNRVASEFRTAPHSATFASSAELFVDGGEVAF
VNRIIDDSVLLRDRIKIYTTMIGRKSSLKPLQNRLQRFGDDVKIMISVLNQGKTKRWMLAWTFSKSVSLTTIDRLEHHHH
HH
;
_entity_poly.pdbx_strand_id   A
#
# COMPACT_ATOMS: atom_id res chain seq x y z
N GLU A 6 0.47 20.30 -2.31
CA GLU A 6 1.87 19.95 -2.43
C GLU A 6 2.17 18.56 -1.85
N MET A 7 1.13 17.73 -1.73
CA MET A 7 1.34 16.35 -1.32
C MET A 7 1.75 15.47 -2.51
N HIS A 8 0.85 15.33 -3.49
CA HIS A 8 1.11 14.57 -4.70
C HIS A 8 0.24 15.13 -5.81
N PRO A 9 0.77 15.26 -7.03
CA PRO A 9 0.05 16.00 -8.08
C PRO A 9 -1.38 15.54 -8.34
N ARG A 10 -1.63 14.23 -8.37
CA ARG A 10 -2.97 13.72 -8.68
C ARG A 10 -3.67 13.17 -7.45
N ASN A 11 -3.16 13.43 -6.26
CA ASN A 11 -3.83 13.01 -5.03
C ASN A 11 -5.06 13.87 -4.81
N PRO A 12 -6.26 13.28 -4.66
CA PRO A 12 -7.46 14.09 -4.41
C PRO A 12 -7.44 14.83 -3.08
N TYR A 13 -6.44 14.59 -2.23
CA TYR A 13 -6.34 15.24 -0.93
C TYR A 13 -5.33 16.38 -0.90
N ARG A 14 -4.73 16.73 -2.03
CA ARG A 14 -3.73 17.80 -2.04
C ARG A 14 -4.39 19.17 -1.88
N ASN A 15 -5.52 19.39 -2.55
CA ASN A 15 -6.20 20.68 -2.52
C ASN A 15 -7.66 20.56 -2.09
N LYS A 16 -8.08 19.37 -1.64
CA LYS A 16 -9.39 19.17 -1.04
C LYS A 16 -9.21 18.45 0.29
N PRO A 17 -8.64 19.12 1.30
CA PRO A 17 -8.51 18.49 2.61
C PRO A 17 -9.87 18.15 3.17
N PRO A 18 -9.99 17.06 3.92
CA PRO A 18 -11.30 16.63 4.40
C PRO A 18 -11.93 17.68 5.31
N ASP A 19 -13.19 18.00 5.02
CA ASP A 19 -13.95 18.92 5.86
C ASP A 19 -14.50 18.12 7.03
N PHE A 20 -13.88 18.28 8.20
CA PHE A 20 -14.27 17.51 9.37
C PHE A 20 -15.67 17.85 9.85
N LYS A 21 -16.17 19.05 9.55
CA LYS A 21 -17.56 19.36 9.88
C LYS A 21 -18.53 18.61 8.98
N ALA A 22 -18.24 18.57 7.68
CA ALA A 22 -19.09 17.80 6.77
C ALA A 22 -19.04 16.31 7.10
N LEU A 23 -17.85 15.80 7.41
CA LEU A 23 -17.74 14.41 7.85
C LEU A 23 -18.51 14.18 9.15
N ALA A 24 -18.46 15.14 10.06
CA ALA A 24 -19.21 15.04 11.31
C ALA A 24 -20.71 14.94 11.03
N VAL A 25 -21.21 15.76 10.11
CA VAL A 25 -22.63 15.73 9.79
C VAL A 25 -23.01 14.41 9.11
N GLU A 26 -22.20 13.97 8.14
CA GLU A 26 -22.56 12.76 7.41
C GLU A 26 -22.37 11.51 8.25
N TYR A 27 -21.31 11.47 9.06
CA TYR A 27 -20.96 10.27 9.82
C TYR A 27 -21.02 10.57 11.31
N PRO A 28 -22.02 10.05 12.04
CA PRO A 28 -22.18 10.42 13.44
C PRO A 28 -21.19 9.72 14.36
N GLU A 29 -20.79 8.50 14.00
CA GLU A 29 -19.79 7.80 14.79
C GLU A 29 -18.43 8.49 14.74
N PHE A 30 -18.18 9.30 13.71
CA PHE A 30 -16.94 10.06 13.62
C PHE A 30 -17.00 11.35 14.43
N ARG A 31 -18.18 11.97 14.53
CA ARG A 31 -18.30 13.24 15.23
C ARG A 31 -18.31 13.08 16.75
N LYS A 32 -18.32 11.84 17.26
CA LYS A 32 -18.06 11.64 18.67
C LYS A 32 -16.63 12.01 19.03
N PHE A 33 -15.72 11.89 18.07
CA PHE A 33 -14.32 12.24 18.28
C PHE A 33 -14.01 13.68 17.87
N CYS A 34 -15.03 14.43 17.45
CA CYS A 34 -14.88 15.83 17.10
C CYS A 34 -15.30 16.70 18.28
N GLN A 35 -14.43 17.62 18.67
CA GLN A 35 -14.65 18.44 19.86
C GLN A 35 -15.26 19.79 19.46
N TYR A 36 -16.48 19.71 18.95
CA TYR A 36 -17.22 20.93 18.65
C TYR A 36 -17.47 21.71 19.93
N VAL A 37 -17.07 22.99 19.93
CA VAL A 37 -17.14 23.83 21.12
C VAL A 37 -17.65 25.21 20.73
N SER A 38 -17.67 26.14 21.70
CA SER A 38 -18.06 27.51 21.42
C SER A 38 -17.05 28.26 20.56
N ASN A 39 -15.96 27.61 20.16
CA ASN A 39 -15.01 28.22 19.22
C ASN A 39 -15.65 28.49 17.86
N GLY A 40 -16.74 27.79 17.54
CA GLY A 40 -17.36 27.90 16.23
C GLY A 40 -16.82 26.96 15.20
N LYS A 41 -15.78 26.18 15.51
CA LYS A 41 -15.19 25.23 14.59
C LYS A 41 -15.29 23.83 15.18
N VAL A 42 -14.89 22.84 14.39
CA VAL A 42 -14.82 21.46 14.83
C VAL A 42 -13.38 21.17 15.25
N THR A 43 -13.19 20.78 16.51
CA THR A 43 -11.89 20.45 17.04
C THR A 43 -11.73 18.93 17.06
N PHE A 44 -10.54 18.46 16.69
CA PHE A 44 -10.29 17.03 16.57
C PHE A 44 -8.97 16.69 17.24
N ASP A 45 -8.98 15.67 18.09
CA ASP A 45 -7.77 15.23 18.78
C ASP A 45 -7.11 14.12 17.97
N PHE A 46 -5.90 14.39 17.49
CA PHE A 46 -5.14 13.44 16.69
C PHE A 46 -4.25 12.53 17.52
N LYS A 47 -4.15 12.76 18.83
CA LYS A 47 -3.27 11.97 19.67
C LYS A 47 -3.95 10.74 20.26
N LYS A 48 -5.23 10.52 19.95
CA LYS A 48 -5.97 9.36 20.42
C LYS A 48 -6.14 8.35 19.29
N ASP A 49 -5.80 7.10 19.55
CA ASP A 49 -5.82 6.08 18.50
C ASP A 49 -7.22 5.81 18.00
N ALA A 50 -8.22 5.85 18.89
CA ALA A 50 -9.60 5.63 18.46
C ALA A 50 -10.01 6.69 17.45
N ALA A 51 -9.64 7.95 17.69
CA ALA A 51 -10.01 9.03 16.79
C ALA A 51 -9.38 8.85 15.40
N VAL A 52 -8.08 8.51 15.36
CA VAL A 52 -7.43 8.32 14.06
C VAL A 52 -7.99 7.12 13.33
N ARG A 53 -8.21 6.02 14.06
CA ARG A 53 -8.84 4.84 13.48
C ARG A 53 -10.18 5.19 12.84
N CYS A 54 -11.02 5.90 13.60
CA CYS A 54 -12.33 6.29 13.08
C CYS A 54 -12.20 7.25 11.91
N LEU A 55 -11.22 8.15 11.94
CA LEU A 55 -11.01 9.06 10.82
C LEU A 55 -10.68 8.31 9.55
N THR A 56 -9.76 7.34 9.64
CA THR A 56 -9.42 6.52 8.49
C THR A 56 -10.64 5.76 7.97
N GLN A 57 -11.40 5.17 8.90
CA GLN A 57 -12.61 4.44 8.51
C GLN A 57 -13.58 5.36 7.78
N THR A 58 -13.81 6.55 8.34
CA THR A 58 -14.76 7.48 7.74
C THR A 58 -14.33 7.93 6.36
N LEU A 59 -13.03 8.23 6.20
CA LEU A 59 -12.52 8.63 4.89
C LEU A 59 -12.68 7.51 3.87
N LEU A 60 -12.38 6.26 4.27
CA LEU A 60 -12.54 5.15 3.35
C LEU A 60 -13.99 4.98 2.94
N LYS A 61 -14.92 5.06 3.90
CA LYS A 61 -16.34 4.95 3.56
C LYS A 61 -16.77 6.05 2.60
N LYS A 62 -16.44 7.31 2.92
CA LYS A 62 -17.00 8.43 2.17
C LYS A 62 -16.33 8.60 0.81
N ASP A 63 -15.05 8.22 0.68
CA ASP A 63 -14.30 8.53 -0.52
C ASP A 63 -13.88 7.30 -1.33
N PHE A 64 -14.13 6.09 -0.83
CA PHE A 64 -13.80 4.89 -1.59
C PHE A 64 -14.87 3.82 -1.49
N ASN A 65 -16.00 4.09 -0.84
CA ASN A 65 -17.07 3.12 -0.65
C ASN A 65 -16.53 1.83 -0.02
N LEU A 66 -15.69 1.99 0.99
CA LEU A 66 -15.03 0.88 1.65
C LEU A 66 -15.37 0.92 3.13
N ASP A 67 -16.13 -0.07 3.60
CA ASP A 67 -16.34 -0.27 5.03
C ASP A 67 -15.25 -1.22 5.51
N VAL A 68 -14.33 -0.69 6.32
CA VAL A 68 -13.14 -1.42 6.73
C VAL A 68 -13.05 -1.39 8.25
N GLU A 69 -12.57 -2.47 8.84
CA GLU A 69 -12.32 -2.54 10.27
C GLU A 69 -10.82 -2.57 10.52
N ILE A 70 -10.36 -1.64 11.37
CA ILE A 70 -8.99 -1.68 11.89
C ILE A 70 -9.08 -2.14 13.34
N PRO A 71 -8.60 -3.33 13.67
CA PRO A 71 -8.76 -3.85 15.02
C PRO A 71 -7.85 -3.15 16.00
N PRO A 72 -8.06 -3.33 17.30
CA PRO A 72 -7.21 -2.66 18.29
C PRO A 72 -5.77 -3.13 18.21
N GLY A 73 -4.86 -2.24 18.59
CA GLY A 73 -3.45 -2.57 18.66
C GLY A 73 -2.80 -2.87 17.32
N HIS A 74 -3.11 -2.08 16.30
CA HIS A 74 -2.53 -2.24 14.98
C HIS A 74 -2.09 -0.89 14.44
N LEU A 75 -1.30 -0.93 13.38
CA LEU A 75 -0.99 0.27 12.63
C LEU A 75 -2.28 0.89 12.11
N VAL A 76 -2.41 2.19 12.25
CA VAL A 76 -3.57 2.91 11.73
C VAL A 76 -3.19 3.49 10.37
N PRO A 77 -3.66 2.90 9.27
CA PRO A 77 -3.27 3.39 7.95
C PRO A 77 -3.75 4.82 7.72
N ARG A 78 -2.99 5.56 6.94
CA ARG A 78 -3.34 6.93 6.56
C ARG A 78 -3.68 6.93 5.08
N VAL A 79 -4.96 7.20 4.78
CA VAL A 79 -5.44 7.12 3.39
C VAL A 79 -4.62 7.98 2.43
N PRO A 80 -4.32 9.26 2.73
CA PRO A 80 -3.58 10.06 1.73
C PRO A 80 -2.23 9.47 1.35
N GLN A 81 -1.48 8.92 2.29
CA GLN A 81 -0.13 8.44 1.99
C GLN A 81 -0.19 7.13 1.21
N LYS A 82 -1.07 6.22 1.60
CA LYS A 82 -1.25 4.98 0.85
C LYS A 82 -1.75 5.28 -0.56
N LEU A 83 -2.66 6.26 -0.70
CA LEU A 83 -3.11 6.66 -2.02
C LEU A 83 -1.98 7.27 -2.83
N ASN A 84 -1.07 8.00 -2.17
CA ASN A 84 0.11 8.51 -2.88
C ASN A 84 0.95 7.37 -3.44
N TYR A 85 1.16 6.32 -2.64
CA TYR A 85 1.88 5.14 -3.14
C TYR A 85 1.16 4.54 -4.33
N CYS A 86 -0.18 4.41 -4.24
CA CYS A 86 -0.96 3.87 -5.34
C CYS A 86 -0.80 4.71 -6.61
N LEU A 87 -0.82 6.03 -6.46
CA LEU A 87 -0.70 6.91 -7.64
C LEU A 87 0.70 6.86 -8.23
N LEU A 88 1.74 6.77 -7.39
CA LEU A 88 3.08 6.60 -7.91
C LEU A 88 3.18 5.32 -8.75
N ILE A 89 2.55 4.25 -8.28
CA ILE A 89 2.51 3.04 -9.10
C ILE A 89 1.69 3.26 -10.36
N ASP A 90 0.61 4.03 -10.26
CA ASP A 90 -0.25 4.27 -11.41
C ASP A 90 0.51 5.00 -12.53
N ASP A 91 1.35 5.98 -12.17
CA ASP A 91 2.08 6.74 -13.17
C ASP A 91 3.07 5.86 -13.94
N LEU A 92 3.78 4.97 -13.24
CA LEU A 92 4.75 4.11 -13.91
C LEU A 92 4.08 3.14 -14.87
N LEU A 93 2.91 2.62 -14.49
CA LEU A 93 2.13 1.80 -15.41
C LEU A 93 1.69 2.61 -16.63
N LYS A 94 1.36 3.89 -16.42
CA LYS A 94 1.04 4.76 -17.55
C LYS A 94 2.23 4.87 -18.49
N ALA A 95 3.39 5.22 -17.96
CA ALA A 95 4.56 5.47 -18.81
C ALA A 95 4.95 4.22 -19.59
N ASN A 96 4.92 3.06 -18.93
CA ASN A 96 5.22 1.80 -19.58
C ASN A 96 3.96 1.08 -20.05
N LYS A 97 2.85 1.81 -20.19
CA LYS A 97 1.67 1.40 -20.96
C LYS A 97 1.19 -0.01 -20.59
N LEU A 98 1.15 -0.28 -19.28
CA LEU A 98 0.69 -1.56 -18.74
C LEU A 98 -0.66 -1.41 -18.04
N THR A 99 -1.54 -0.57 -18.59
CA THR A 99 -2.80 -0.23 -17.95
C THR A 99 -3.96 -1.09 -18.44
N LYS A 100 -3.70 -2.31 -18.87
CA LYS A 100 -4.73 -3.24 -19.31
C LYS A 100 -4.62 -4.51 -18.47
N ASN A 101 -5.71 -4.86 -17.80
CA ASN A 101 -5.74 -6.04 -16.92
C ASN A 101 -4.58 -6.02 -15.94
N VAL A 102 -4.64 -5.02 -15.05
CA VAL A 102 -3.55 -4.78 -14.09
C VAL A 102 -3.73 -5.75 -12.93
N ILE A 103 -2.93 -6.82 -12.92
CA ILE A 103 -2.83 -7.70 -11.77
C ILE A 103 -1.54 -7.37 -11.04
N GLY A 104 -1.65 -7.11 -9.73
CA GLY A 104 -0.51 -6.79 -8.91
C GLY A 104 -0.49 -7.64 -7.65
N ILE A 105 0.65 -7.58 -6.95
CA ILE A 105 0.85 -8.36 -5.74
C ILE A 105 1.17 -7.42 -4.59
N ASP A 106 0.40 -7.50 -3.52
CA ASP A 106 0.61 -6.67 -2.33
C ASP A 106 1.15 -7.54 -1.21
N ILE A 107 2.26 -7.11 -0.61
CA ILE A 107 2.99 -7.87 0.40
C ILE A 107 2.87 -7.16 1.74
N GLY A 108 2.58 -7.92 2.79
CA GLY A 108 2.41 -7.34 4.10
C GLY A 108 1.22 -6.40 4.12
N THR A 109 0.08 -6.90 3.62
CA THR A 109 -1.12 -6.08 3.45
C THR A 109 -1.51 -5.36 4.73
N GLY A 110 -1.08 -5.86 5.88
CA GLY A 110 -1.59 -5.37 7.14
C GLY A 110 -2.97 -5.92 7.40
N THR A 111 -3.57 -5.46 8.49
CA THR A 111 -4.87 -5.96 8.89
C THR A 111 -5.95 -5.70 7.85
N SER A 112 -5.78 -4.70 7.00
CA SER A 112 -6.87 -4.17 6.19
C SER A 112 -6.67 -4.26 4.68
N CYS A 113 -5.57 -4.85 4.20
CA CYS A 113 -5.26 -4.86 2.77
C CYS A 113 -5.50 -3.52 2.11
N ILE A 114 -5.10 -2.43 2.77
CA ILE A 114 -5.52 -1.11 2.31
C ILE A 114 -5.01 -0.84 0.89
N HIS A 115 -3.81 -1.31 0.57
CA HIS A 115 -3.30 -1.16 -0.80
C HIS A 115 -4.20 -1.89 -1.78
N ALA A 116 -4.57 -3.13 -1.46
CA ALA A 116 -5.40 -3.92 -2.37
C ALA A 116 -6.78 -3.31 -2.55
N LEU A 117 -7.42 -2.93 -1.44
CA LEU A 117 -8.76 -2.35 -1.53
C LEU A 117 -8.76 -1.02 -2.28
N ILE A 118 -7.79 -0.16 -1.96
CA ILE A 118 -7.75 1.15 -2.62
C ILE A 118 -7.45 0.99 -4.10
N GLY A 119 -6.55 0.07 -4.46
CA GLY A 119 -6.30 -0.17 -5.88
C GLY A 119 -7.52 -0.72 -6.60
N ALA A 120 -8.22 -1.67 -5.98
CA ALA A 120 -9.39 -2.26 -6.62
C ALA A 120 -10.52 -1.26 -6.75
N ARG A 121 -10.61 -0.28 -5.84
CA ARG A 121 -11.70 0.68 -5.87
C ARG A 121 -11.40 1.88 -6.76
N GLN A 122 -10.22 2.49 -6.60
CA GLN A 122 -9.87 3.73 -7.28
C GLN A 122 -9.22 3.49 -8.65
N PHE A 123 -8.51 2.38 -8.82
CA PHE A 123 -7.81 2.10 -10.07
C PHE A 123 -8.28 0.83 -10.77
N ASN A 124 -9.33 0.18 -10.26
CA ASN A 124 -9.89 -1.02 -10.87
C ASN A 124 -8.88 -2.16 -11.00
N TRP A 125 -7.84 -2.15 -10.16
CA TRP A 125 -6.83 -3.19 -10.20
C TRP A 125 -7.35 -4.47 -9.55
N LYS A 126 -6.66 -5.58 -9.83
CA LYS A 126 -6.86 -6.83 -9.13
C LYS A 126 -5.57 -7.20 -8.42
N PHE A 127 -5.70 -7.91 -7.30
CA PHE A 127 -4.57 -8.08 -6.40
C PHE A 127 -4.45 -9.52 -5.90
N ILE A 128 -3.22 -9.96 -5.72
CA ILE A 128 -2.89 -11.09 -4.89
C ILE A 128 -2.28 -10.52 -3.62
N ALA A 129 -3.02 -10.59 -2.52
CA ALA A 129 -2.66 -9.96 -1.26
C ALA A 129 -2.02 -10.99 -0.34
N THR A 130 -1.00 -10.56 0.41
CA THR A 130 -0.18 -11.46 1.20
C THR A 130 0.20 -10.80 2.52
N ASP A 131 0.01 -11.52 3.63
CA ASP A 131 0.48 -11.08 4.93
C ASP A 131 0.97 -12.28 5.74
N GLY A 132 1.88 -12.03 6.66
CA GLY A 132 2.46 -13.09 7.46
C GLY A 132 1.92 -13.21 8.87
N ASP A 133 1.10 -12.23 9.28
CA ASP A 133 0.47 -12.23 10.59
C ASP A 133 -0.95 -12.74 10.47
N GLU A 134 -1.33 -13.67 11.36
CA GLU A 134 -2.56 -14.41 11.15
C GLU A 134 -3.80 -13.55 11.41
N LYS A 135 -3.84 -12.82 12.51
CA LYS A 135 -5.02 -11.99 12.78
C LYS A 135 -5.23 -10.96 11.67
N SER A 136 -4.14 -10.47 11.09
CA SER A 136 -4.26 -9.53 9.98
C SER A 136 -4.87 -10.19 8.75
N VAL A 137 -4.53 -11.46 8.47
CA VAL A 137 -5.13 -12.10 7.31
C VAL A 137 -6.60 -12.45 7.58
N ARG A 138 -6.95 -12.77 8.83
CA ARG A 138 -8.37 -12.89 9.18
C ARG A 138 -9.11 -11.61 8.85
N VAL A 139 -8.62 -10.48 9.34
CA VAL A 139 -9.33 -9.22 9.13
C VAL A 139 -9.28 -8.83 7.65
N ALA A 140 -8.24 -9.23 6.93
CA ALA A 140 -8.14 -8.94 5.50
C ALA A 140 -9.22 -9.68 4.72
N HIS A 141 -9.38 -10.98 5.01
CA HIS A 141 -10.48 -11.73 4.41
C HIS A 141 -11.82 -11.09 4.75
N GLU A 142 -11.98 -10.68 6.01
CA GLU A 142 -13.23 -10.04 6.43
C GLU A 142 -13.50 -8.77 5.63
N ASN A 143 -12.48 -7.94 5.45
CA ASN A 143 -12.66 -6.67 4.74
C ASN A 143 -12.97 -6.90 3.27
N VAL A 144 -12.25 -7.82 2.63
CA VAL A 144 -12.50 -8.10 1.22
C VAL A 144 -13.92 -8.64 1.03
N ALA A 145 -14.38 -9.50 1.94
CA ALA A 145 -15.72 -10.04 1.82
C ALA A 145 -16.79 -8.98 2.12
N LYS A 146 -16.55 -8.12 3.12
CA LYS A 146 -17.49 -7.02 3.39
C LYS A 146 -17.68 -6.17 2.15
N ASN A 147 -16.58 -5.80 1.50
CA ASN A 147 -16.69 -4.92 0.33
C ASN A 147 -16.98 -5.69 -0.95
N GLY A 148 -17.08 -7.02 -0.89
CA GLY A 148 -17.51 -7.78 -2.05
C GLY A 148 -16.49 -7.88 -3.15
N LEU A 149 -15.21 -7.69 -2.83
CA LEU A 149 -14.13 -7.70 -3.82
C LEU A 149 -13.43 -9.06 -3.88
N SER A 150 -14.10 -10.12 -3.40
CA SER A 150 -13.51 -11.46 -3.48
C SER A 150 -13.17 -11.84 -4.91
N SER A 151 -13.93 -11.34 -5.87
CA SER A 151 -13.64 -11.54 -7.29
C SER A 151 -12.53 -10.63 -7.80
N SER A 152 -12.02 -9.71 -6.97
CA SER A 152 -10.94 -8.81 -7.37
C SER A 152 -9.67 -8.98 -6.55
N ILE A 153 -9.75 -9.39 -5.29
CA ILE A 153 -8.60 -9.55 -4.43
C ILE A 153 -8.57 -10.97 -3.89
N CYS A 154 -7.43 -11.63 -4.05
CA CYS A 154 -7.24 -12.98 -3.51
C CYS A 154 -6.24 -12.91 -2.37
N VAL A 155 -6.68 -13.24 -1.16
CA VAL A 155 -5.88 -13.06 0.05
C VAL A 155 -5.28 -14.41 0.42
N VAL A 156 -3.96 -14.44 0.58
CA VAL A 156 -3.22 -15.67 0.82
C VAL A 156 -2.33 -15.49 2.05
N HIS A 157 -2.35 -16.47 2.95
CA HIS A 157 -1.43 -16.49 4.08
C HIS A 157 -0.13 -17.16 3.67
N VAL A 158 0.98 -16.63 4.15
CA VAL A 158 2.31 -17.18 3.92
C VAL A 158 2.99 -17.40 5.26
N ASN A 159 3.66 -18.53 5.40
CA ASN A 159 4.48 -18.76 6.58
C ASN A 159 5.76 -17.96 6.45
N PRO A 160 6.05 -17.01 7.36
CA PRO A 160 7.19 -16.12 7.18
C PRO A 160 8.54 -16.79 7.33
N ASP A 161 8.58 -18.10 7.61
CA ASP A 161 9.86 -18.78 7.79
C ASP A 161 10.64 -18.91 6.48
N VAL A 162 9.94 -19.09 5.36
CA VAL A 162 10.61 -19.36 4.10
C VAL A 162 11.38 -18.13 3.62
N LYS A 163 12.48 -18.38 2.91
CA LYS A 163 13.22 -17.29 2.28
C LYS A 163 12.34 -16.52 1.31
N THR A 164 11.65 -17.25 0.44
CA THR A 164 10.84 -16.61 -0.59
C THR A 164 9.69 -15.82 0.02
N VAL A 165 9.46 -14.64 -0.53
CA VAL A 165 8.26 -13.86 -0.23
C VAL A 165 7.30 -13.84 -1.39
N LEU A 166 7.77 -14.06 -2.62
CA LEU A 166 6.98 -13.91 -3.84
C LEU A 166 6.75 -15.21 -4.58
N MET A 167 7.74 -16.12 -4.60
CA MET A 167 7.62 -17.31 -5.44
C MET A 167 6.56 -18.25 -4.91
N ASP A 168 6.35 -18.30 -3.60
CA ASP A 168 5.21 -19.03 -3.05
C ASP A 168 3.89 -18.37 -3.43
N VAL A 169 3.93 -17.10 -3.82
CA VAL A 169 2.71 -16.35 -4.14
C VAL A 169 2.38 -16.40 -5.63
N VAL A 170 3.37 -16.21 -6.49
CA VAL A 170 3.13 -16.19 -7.92
C VAL A 170 2.60 -17.51 -8.45
N ASN A 171 2.65 -18.58 -7.65
CA ASN A 171 2.06 -19.84 -8.04
C ASN A 171 0.54 -19.75 -8.17
N THR A 172 -0.08 -18.76 -7.54
CA THR A 172 -1.54 -18.71 -7.43
C THR A 172 -2.20 -18.77 -8.80
N ILE A 173 -1.71 -17.94 -9.73
CA ILE A 173 -2.08 -18.00 -11.15
C ILE A 173 -0.82 -18.11 -11.99
N PRO A 174 -0.59 -19.26 -12.64
CA PRO A 174 0.70 -19.52 -13.32
C PRO A 174 0.79 -19.06 -14.76
N ASP A 175 -0.31 -18.66 -15.39
CA ASP A 175 -0.27 -18.18 -16.77
C ASP A 175 -0.26 -16.66 -16.87
N THR A 176 -0.02 -15.96 -15.76
CA THR A 176 -0.07 -14.51 -15.72
C THR A 176 1.31 -13.95 -15.40
N ASP A 177 1.73 -12.98 -16.19
CA ASP A 177 2.92 -12.17 -15.89
C ASP A 177 2.44 -10.91 -15.19
N TYR A 178 2.65 -10.85 -13.88
CA TYR A 178 2.13 -9.74 -13.08
C TYR A 178 2.74 -8.41 -13.51
N ALA A 179 2.06 -7.33 -13.15
CA ALA A 179 2.52 -5.99 -13.53
C ALA A 179 3.42 -5.37 -12.48
N PHE A 180 3.11 -5.51 -11.20
CA PHE A 180 3.85 -4.82 -10.15
C PHE A 180 3.64 -5.52 -8.82
N CYS A 181 4.44 -5.11 -7.85
CA CYS A 181 4.25 -5.54 -6.47
C CYS A 181 4.49 -4.37 -5.53
N MET A 182 3.59 -4.23 -4.57
CA MET A 182 3.68 -3.28 -3.47
C MET A 182 4.15 -4.00 -2.23
N CYS A 183 4.83 -3.28 -1.35
CA CYS A 183 5.24 -3.85 -0.09
C CYS A 183 5.40 -2.74 0.94
N ASN A 184 4.89 -2.99 2.15
CA ASN A 184 5.14 -2.14 3.31
C ASN A 184 5.90 -2.99 4.32
N PRO A 185 7.21 -2.81 4.46
CA PRO A 185 8.03 -3.79 5.17
C PRO A 185 7.65 -3.84 6.65
N PRO A 186 7.80 -5.00 7.28
CA PRO A 186 7.44 -5.12 8.71
C PRO A 186 8.42 -4.34 9.58
N PHE A 187 7.88 -3.44 10.38
CA PHE A 187 8.69 -2.65 11.30
C PHE A 187 8.95 -3.42 12.59
N GLY A 236 17.68 -4.01 9.82
CA GLY A 236 16.62 -5.00 9.95
C GLY A 236 15.81 -5.19 8.68
N GLU A 237 15.32 -4.08 8.12
CA GLU A 237 14.55 -4.13 6.88
C GLU A 237 15.39 -4.65 5.72
N VAL A 238 16.71 -4.53 5.82
CA VAL A 238 17.60 -4.92 4.72
C VAL A 238 17.45 -6.39 4.39
N ALA A 239 17.30 -7.24 5.41
CA ALA A 239 17.14 -8.67 5.16
C ALA A 239 15.86 -8.98 4.41
N PHE A 240 14.76 -8.32 4.80
CA PHE A 240 13.49 -8.54 4.12
C PHE A 240 13.55 -8.11 2.67
N VAL A 241 14.03 -6.89 2.42
CA VAL A 241 14.08 -6.41 1.04
C VAL A 241 15.09 -7.22 0.22
N ASN A 242 16.14 -7.74 0.86
CA ASN A 242 17.09 -8.58 0.15
C ASN A 242 16.50 -9.94 -0.20
N ARG A 243 15.61 -10.47 0.64
CA ARG A 243 14.84 -11.65 0.26
C ARG A 243 13.98 -11.35 -0.96
N ILE A 244 13.34 -10.17 -0.96
CA ILE A 244 12.57 -9.76 -2.14
C ILE A 244 13.47 -9.70 -3.37
N ILE A 245 14.68 -9.18 -3.23
CA ILE A 245 15.61 -9.07 -4.37
C ILE A 245 16.06 -10.45 -4.83
N ASP A 246 16.25 -11.37 -3.88
CA ASP A 246 16.56 -12.76 -4.25
C ASP A 246 15.46 -13.36 -5.10
N ASP A 247 14.20 -13.09 -4.73
CA ASP A 247 13.11 -13.48 -5.62
C ASP A 247 13.12 -12.68 -6.93
N SER A 248 13.69 -11.46 -6.90
CA SER A 248 13.68 -10.59 -8.08
C SER A 248 14.60 -11.10 -9.17
N VAL A 249 15.77 -11.63 -8.81
CA VAL A 249 16.67 -12.14 -9.84
C VAL A 249 16.11 -13.41 -10.47
N LEU A 250 15.18 -14.08 -9.79
CA LEU A 250 14.30 -15.06 -10.39
C LEU A 250 13.01 -14.33 -10.79
N LEU A 251 12.08 -15.04 -11.43
CA LEU A 251 10.79 -14.45 -11.79
C LEU A 251 10.98 -13.12 -12.52
N ARG A 252 12.04 -13.04 -13.33
CA ARG A 252 12.62 -11.76 -13.74
C ARG A 252 11.59 -10.86 -14.40
N ASP A 253 11.06 -11.25 -15.55
CA ASP A 253 10.06 -10.46 -16.24
C ASP A 253 8.63 -10.90 -15.92
N ARG A 254 8.46 -11.89 -15.05
CA ARG A 254 7.12 -12.28 -14.62
C ARG A 254 6.45 -11.14 -13.87
N ILE A 255 7.22 -10.39 -13.10
CA ILE A 255 6.76 -9.16 -12.45
C ILE A 255 7.49 -8.00 -13.10
N LYS A 256 6.74 -7.11 -13.75
CA LYS A 256 7.36 -6.05 -14.53
C LYS A 256 8.10 -5.05 -13.64
N ILE A 257 7.48 -4.61 -12.55
CA ILE A 257 8.05 -3.59 -11.69
C ILE A 257 7.99 -4.06 -10.25
N TYR A 258 9.11 -3.97 -9.55
CA TYR A 258 9.18 -4.31 -8.14
C TYR A 258 9.26 -3.03 -7.32
N THR A 259 8.35 -2.87 -6.36
CA THR A 259 8.33 -1.67 -5.53
C THR A 259 8.19 -2.05 -4.06
N THR A 260 8.67 -1.17 -3.18
CA THR A 260 8.53 -1.35 -1.76
C THR A 260 8.69 -0.01 -1.04
N MET A 261 7.94 0.17 0.04
CA MET A 261 8.21 1.29 0.94
C MET A 261 9.38 0.93 1.85
N ILE A 262 9.90 1.94 2.53
CA ILE A 262 10.99 1.74 3.47
C ILE A 262 10.94 2.87 4.50
N GLY A 263 11.04 2.50 5.78
CA GLY A 263 10.93 3.46 6.86
C GLY A 263 12.25 3.83 7.49
N ARG A 264 13.11 2.83 7.74
CA ARG A 264 14.40 3.10 8.35
C ARG A 264 15.27 3.91 7.40
N LYS A 265 15.95 4.93 7.94
CA LYS A 265 16.69 5.87 7.10
C LYS A 265 17.88 5.21 6.43
N SER A 266 18.83 4.71 7.22
CA SER A 266 20.10 4.21 6.73
C SER A 266 19.98 2.82 6.10
N SER A 267 18.78 2.33 5.86
CA SER A 267 18.60 1.04 5.20
C SER A 267 18.81 1.12 3.69
N LEU A 268 18.97 2.32 3.15
CA LEU A 268 19.07 2.49 1.69
C LEU A 268 20.42 2.07 1.15
N LYS A 269 21.50 2.33 1.89
CA LYS A 269 22.85 2.13 1.34
C LYS A 269 23.14 0.69 0.96
N PRO A 270 22.92 -0.32 1.83
CA PRO A 270 23.21 -1.69 1.39
C PRO A 270 22.29 -2.17 0.29
N LEU A 271 20.99 -1.92 0.43
CA LEU A 271 20.01 -2.37 -0.56
C LEU A 271 20.38 -1.87 -1.95
N GLN A 272 20.59 -0.57 -2.08
CA GLN A 272 21.04 0.00 -3.35
C GLN A 272 22.36 -0.63 -3.77
N ASN A 273 23.29 -0.80 -2.81
CA ASN A 273 24.54 -1.49 -3.09
C ASN A 273 24.27 -2.84 -3.75
N ARG A 274 23.31 -3.58 -3.20
CA ARG A 274 22.96 -4.87 -3.79
C ARG A 274 22.42 -4.70 -5.20
N LEU A 275 21.53 -3.73 -5.41
CA LEU A 275 20.84 -3.62 -6.69
C LEU A 275 21.81 -3.25 -7.80
N GLN A 276 22.69 -2.28 -7.56
CA GLN A 276 23.69 -1.93 -8.55
C GLN A 276 24.70 -3.04 -8.78
N ARG A 277 24.72 -4.07 -7.93
CA ARG A 277 25.55 -5.24 -8.22
C ARG A 277 25.05 -6.02 -9.42
N PHE A 278 23.78 -5.83 -9.82
CA PHE A 278 23.32 -6.37 -11.09
C PHE A 278 23.65 -5.46 -12.26
N GLY A 279 24.27 -4.31 -11.99
CA GLY A 279 24.76 -3.46 -13.06
C GLY A 279 23.66 -3.05 -14.01
N ASP A 280 23.97 -3.13 -15.31
CA ASP A 280 23.02 -2.75 -16.35
C ASP A 280 21.84 -3.69 -16.46
N ASP A 281 21.87 -4.85 -15.81
CA ASP A 281 20.78 -5.81 -15.97
C ASP A 281 19.48 -5.31 -15.34
N VAL A 282 19.56 -4.36 -14.41
CA VAL A 282 18.39 -3.88 -13.68
C VAL A 282 18.41 -2.36 -13.67
N LYS A 283 17.23 -1.77 -13.57
CA LYS A 283 17.06 -0.32 -13.41
C LYS A 283 16.47 -0.03 -12.04
N ILE A 284 16.92 1.07 -11.43
CA ILE A 284 16.62 1.41 -10.04
C ILE A 284 16.08 2.83 -9.99
N MET A 285 15.11 3.06 -9.11
CA MET A 285 14.50 4.37 -8.92
C MET A 285 14.07 4.52 -7.46
N ILE A 286 14.22 5.73 -6.93
CA ILE A 286 13.85 6.03 -5.55
C ILE A 286 12.96 7.27 -5.54
N SER A 287 11.93 7.26 -4.68
CA SER A 287 10.98 8.35 -4.59
C SER A 287 10.64 8.61 -3.14
N VAL A 288 9.94 9.72 -2.89
CA VAL A 288 9.64 10.18 -1.54
C VAL A 288 8.12 10.14 -1.33
N LEU A 289 7.67 10.46 -0.12
CA LEU A 289 6.26 10.55 0.20
C LEU A 289 5.92 11.99 0.61
N ASN A 290 4.69 12.19 1.07
CA ASN A 290 4.18 13.51 1.38
C ASN A 290 4.16 13.74 2.90
N GLN A 291 3.54 14.85 3.30
CA GLN A 291 3.30 15.32 4.66
C GLN A 291 4.58 15.87 5.30
N GLY A 292 5.75 15.72 4.67
CA GLY A 292 6.98 16.32 5.16
C GLY A 292 7.60 15.63 6.38
N LYS A 293 6.86 15.61 7.49
CA LYS A 293 7.39 15.05 8.72
C LYS A 293 7.48 13.53 8.70
N THR A 294 6.66 12.85 7.90
CA THR A 294 6.78 11.41 7.77
C THR A 294 8.09 11.05 7.08
N LYS A 295 8.71 9.96 7.52
CA LYS A 295 9.99 9.50 6.97
C LYS A 295 9.80 8.12 6.33
N ARG A 296 9.36 8.13 5.07
CA ARG A 296 9.20 6.91 4.29
C ARG A 296 9.65 7.18 2.86
N TRP A 297 10.37 6.22 2.28
CA TRP A 297 10.79 6.29 0.88
C TRP A 297 10.16 5.13 0.12
N MET A 298 10.24 5.24 -1.21
CA MET A 298 9.82 4.18 -2.13
C MET A 298 11.01 3.77 -2.98
N LEU A 299 11.23 2.46 -3.09
CA LEU A 299 12.30 1.89 -3.90
C LEU A 299 11.67 0.98 -4.96
N ALA A 300 12.04 1.20 -6.22
CA ALA A 300 11.54 0.40 -7.32
C ALA A 300 12.70 -0.05 -8.19
N TRP A 301 12.56 -1.25 -8.75
CA TRP A 301 13.56 -1.78 -9.66
C TRP A 301 12.89 -2.73 -10.65
N THR A 302 13.51 -2.86 -11.81
CA THR A 302 13.01 -3.79 -12.82
C THR A 302 14.16 -4.35 -13.64
N PHE A 303 14.10 -5.66 -13.91
CA PHE A 303 15.00 -6.27 -14.87
C PHE A 303 14.50 -6.11 -16.30
N SER A 304 13.25 -5.71 -16.48
CA SER A 304 12.69 -5.53 -17.81
C SER A 304 13.37 -4.38 -18.53
N LYS A 305 13.70 -4.59 -19.80
CA LYS A 305 14.14 -3.51 -20.66
C LYS A 305 12.97 -2.80 -21.32
N SER A 306 11.80 -3.43 -21.33
CA SER A 306 10.56 -2.86 -21.86
C SER A 306 9.91 -1.89 -20.88
N VAL A 307 10.56 -1.57 -19.77
CA VAL A 307 10.04 -0.66 -18.77
C VAL A 307 10.99 0.52 -18.58
N SER A 308 10.47 1.59 -18.00
CA SER A 308 11.24 2.82 -17.81
C SER A 308 10.79 3.47 -16.51
N LEU A 309 11.60 3.33 -15.47
CA LEU A 309 11.34 3.97 -14.18
C LEU A 309 11.69 5.46 -14.24
#